data_3N2A
#
_entry.id   3N2A
#
_cell.length_a   60.853
_cell.length_b   78.791
_cell.length_c   124.585
_cell.angle_alpha   90.00
_cell.angle_beta   90.00
_cell.angle_gamma   90.00
#
_symmetry.space_group_name_H-M   'P 21 21 21'
#
loop_
_entity.id
_entity.type
_entity.pdbx_description
1 polymer 'Bifunctional folylpolyglutamate synthase/dihydrofolate synthase'
2 non-polymer "ADENOSINE-5'-DIPHOSPHATE"
3 non-polymer 'MAGNESIUM ION'
4 non-polymer 1,2-ETHANEDIOL
5 non-polymer GLYCEROL
6 water water
#
_entity_poly.entity_id   1
_entity_poly.type   'polypeptide(L)'
_entity_poly.pdbx_seq_one_letter_code
;SNAMNNHQTPQATSPLAAWLCYLEHLHSQPIELGLERVKQVAERLDLLKPAPKIFTVAGTNGKGTTCCTLEAILLAAGLR
VGVYSSPHLLRYTERVRIQGQELSEAEHSHSFAQIEAGRGDISLTYFEFGTLSALQLFKQAKLDVVILEVGLGGRLDATN
IVDSDVAAITSIALDHTDWLGYDRESIGREKAGVFRGGKPAVVGEPDMPQSIADVAAELGAQLYRRDVAWKFSQQEPFDQ
QEPVDQQINGWHWQCGERQLTGLPVPNVPLANAATALAVLHYSELPLSDEAIRQGLQAASLPGRFQVVSEQPLLILDVAH
NPHAARYLVNRLAQVINPVNASKQGKVRAVVGMLSDKDIAGTLACLSERVDEWYCAPLEGPRGASAGQLAEHLVSARQFS
DVETAWRQAMQDADTQDVVIVCGSFHTVAHVMAALHL
;
_entity_poly.pdbx_strand_id   A
#
loop_
_chem_comp.id
_chem_comp.type
_chem_comp.name
_chem_comp.formula
ADP non-polymer ADENOSINE-5'-DIPHOSPHATE 'C10 H15 N5 O10 P2'
EDO non-polymer 1,2-ETHANEDIOL 'C2 H6 O2'
GOL non-polymer GLYCEROL 'C3 H8 O3'
MG non-polymer 'MAGNESIUM ION' 'Mg 2'
#
# COMPACT_ATOMS: atom_id res chain seq x y z
N THR A 9 5.90 25.97 16.67
CA THR A 9 4.77 25.02 16.43
C THR A 9 3.72 25.62 15.47
N PRO A 10 3.41 24.92 14.36
CA PRO A 10 2.42 25.47 13.42
C PRO A 10 1.00 25.55 14.02
N GLN A 11 0.13 26.27 13.34
CA GLN A 11 -1.26 26.46 13.76
C GLN A 11 -2.19 26.03 12.63
N ALA A 12 -3.49 26.12 12.89
CA ALA A 12 -4.50 25.73 11.92
C ALA A 12 -4.33 26.45 10.59
N THR A 13 -3.94 27.73 10.63
CA THR A 13 -3.79 28.54 9.42
C THR A 13 -2.41 28.35 8.73
N SER A 14 -1.50 27.60 9.34
CA SER A 14 -0.19 27.42 8.73
C SER A 14 -0.27 26.57 7.43
N PRO A 15 0.66 26.78 6.50
CA PRO A 15 0.70 25.92 5.31
C PRO A 15 0.98 24.46 5.69
N LEU A 16 0.43 23.54 4.93
CA LEU A 16 0.68 22.13 5.19
C LEU A 16 2.18 21.80 5.25
N ALA A 17 2.97 22.42 4.40
CA ALA A 17 4.41 22.14 4.42
C ALA A 17 5.05 22.43 5.80
N ALA A 18 4.55 23.45 6.50
CA ALA A 18 5.02 23.76 7.85
C ALA A 18 4.68 22.63 8.82
N TRP A 19 3.47 22.10 8.68
CA TRP A 19 3.09 20.94 9.50
C TRP A 19 3.97 19.74 9.25
N LEU A 20 4.30 19.47 7.99
CA LEU A 20 5.12 18.30 7.64
C LEU A 20 6.55 18.47 8.14
N CYS A 21 7.08 19.69 8.03
CA CYS A 21 8.43 19.98 8.52
C CYS A 21 8.47 19.75 10.05
N TYR A 22 7.41 20.17 10.74
CA TYR A 22 7.27 19.98 12.19
C TYR A 22 7.27 18.50 12.53
N LEU A 23 6.48 17.74 11.79
CA LEU A 23 6.38 16.30 12.04
C LEU A 23 7.70 15.58 11.73
N GLU A 24 8.36 15.97 10.64
CA GLU A 24 9.63 15.35 10.26
C GLU A 24 10.73 15.57 11.28
N HIS A 25 10.64 16.64 12.06
CA HIS A 25 11.68 16.96 13.05
C HIS A 25 11.37 16.44 14.47
N LEU A 26 10.29 15.68 14.62
CA LEU A 26 9.93 15.15 15.94
C LEU A 26 11.05 14.21 16.46
N HIS A 27 11.42 14.36 17.73
CA HIS A 27 12.43 13.52 18.37
C HIS A 27 11.76 12.32 19.01
N SER A 28 11.50 11.31 18.19
CA SER A 28 10.71 10.12 18.58
C SER A 28 11.52 8.95 19.13
N GLN A 29 12.85 9.03 18.98
CA GLN A 29 13.69 7.91 19.36
C GLN A 29 13.48 7.43 20.81
N PRO A 30 13.36 8.34 21.79
CA PRO A 30 13.30 7.86 23.19
C PRO A 30 11.89 7.61 23.75
N ILE A 31 10.83 7.98 23.02
CA ILE A 31 9.47 7.87 23.53
C ILE A 31 9.04 6.39 23.71
N GLU A 32 8.03 6.15 24.57
CA GLU A 32 7.66 4.79 24.98
C GLU A 32 7.12 4.01 23.79
N LEU A 33 7.74 2.86 23.57
CA LEU A 33 7.34 1.92 22.52
C LEU A 33 5.93 1.40 22.76
N GLY A 34 5.10 1.40 21.73
CA GLY A 34 3.77 0.84 21.82
C GLY A 34 2.67 1.86 21.54
N LEU A 35 1.43 1.42 21.76
CA LEU A 35 0.24 2.16 21.33
C LEU A 35 -0.41 3.01 22.43
N GLU A 36 0.07 2.94 23.68
CA GLU A 36 -0.59 3.64 24.78
C GLU A 36 -0.73 5.14 24.54
N ARG A 37 0.31 5.75 23.99
CA ARG A 37 0.33 7.20 23.80
C ARG A 37 -0.71 7.62 22.78
N VAL A 38 -0.65 7.03 21.59
CA VAL A 38 -1.55 7.42 20.54
C VAL A 38 -2.98 7.01 20.91
N LYS A 39 -3.14 5.88 21.57
CA LYS A 39 -4.46 5.46 22.08
C LYS A 39 -5.06 6.49 23.03
N GLN A 40 -4.28 6.99 23.99
CA GLN A 40 -4.77 8.00 24.95
C GLN A 40 -5.24 9.26 24.23
N VAL A 41 -4.47 9.74 23.26
CA VAL A 41 -4.83 10.95 22.50
C VAL A 41 -6.10 10.69 21.67
N ALA A 42 -6.20 9.52 21.02
CA ALA A 42 -7.40 9.18 20.26
C ALA A 42 -8.64 9.17 21.15
N GLU A 43 -8.51 8.63 22.35
CA GLU A 43 -9.61 8.61 23.31
C GLU A 43 -10.05 10.03 23.71
N ARG A 44 -9.05 10.86 24.00
CA ARG A 44 -9.30 12.24 24.38
C ARG A 44 -10.11 12.98 23.30
N LEU A 45 -9.84 12.66 22.04
CA LEU A 45 -10.45 13.36 20.92
C LEU A 45 -11.60 12.59 20.31
N ASP A 46 -11.95 11.42 20.87
CA ASP A 46 -13.06 10.60 20.38
C ASP A 46 -12.83 10.22 18.91
N LEU A 47 -11.65 9.70 18.60
CA LEU A 47 -11.31 9.38 17.22
C LEU A 47 -11.39 7.89 16.89
N LEU A 48 -11.84 7.05 17.83
CA LEU A 48 -11.68 5.60 17.65
C LEU A 48 -12.77 4.96 16.78
N LYS A 49 -13.78 5.75 16.39
CA LYS A 49 -14.94 5.27 15.64
C LYS A 49 -15.14 6.12 14.40
N PRO A 50 -14.18 6.09 13.46
CA PRO A 50 -14.21 6.95 12.28
C PRO A 50 -15.37 6.70 11.32
N ALA A 51 -15.99 5.54 11.41
CA ALA A 51 -17.18 5.24 10.62
C ALA A 51 -17.82 4.04 11.27
N PRO A 52 -19.09 3.75 10.93
CA PRO A 52 -19.71 2.60 11.59
C PRO A 52 -19.20 1.23 11.10
N LYS A 53 -18.53 1.21 9.94
CA LYS A 53 -17.92 0.03 9.43
C LYS A 53 -16.46 0.33 9.11
N ILE A 54 -15.55 -0.48 9.62
CA ILE A 54 -14.09 -0.30 9.45
C ILE A 54 -13.41 -1.57 8.94
N PHE A 55 -12.62 -1.41 7.89
CA PHE A 55 -11.80 -2.47 7.36
C PHE A 55 -10.33 -2.11 7.49
N THR A 56 -9.55 -2.99 8.06
CA THR A 56 -8.11 -2.76 8.26
C THR A 56 -7.34 -3.77 7.46
N VAL A 57 -6.37 -3.27 6.69
CA VAL A 57 -5.68 -4.10 5.71
C VAL A 57 -4.17 -4.08 5.93
N ALA A 58 -3.63 -5.24 6.35
CA ALA A 58 -2.21 -5.45 6.53
C ALA A 58 -1.68 -6.33 5.43
N GLY A 59 -0.37 -6.47 5.34
CA GLY A 59 0.27 -7.28 4.30
C GLY A 59 1.65 -6.79 3.97
N THR A 60 2.44 -7.63 3.35
CA THR A 60 3.75 -7.18 2.86
C THR A 60 3.58 -6.38 1.55
N ASN A 61 2.93 -7.04 0.58
CA ASN A 61 2.58 -6.45 -0.68
C ASN A 61 1.07 -6.56 -0.90
N GLY A 62 0.52 -5.53 -1.53
CA GLY A 62 -0.85 -5.48 -1.93
C GLY A 62 -1.83 -4.76 -1.06
N LYS A 63 -1.39 -4.09 0.00
CA LYS A 63 -2.35 -3.41 0.86
C LYS A 63 -3.11 -2.31 0.06
N GLY A 64 -2.34 -1.40 -0.55
CA GLY A 64 -2.90 -0.24 -1.29
C GLY A 64 -3.92 -0.65 -2.35
N THR A 65 -3.59 -1.63 -3.18
CA THR A 65 -4.51 -2.01 -4.26
C THR A 65 -5.72 -2.84 -3.75
N THR A 66 -5.53 -3.62 -2.68
CA THR A 66 -6.69 -4.21 -1.99
C THR A 66 -7.61 -3.10 -1.51
N CYS A 67 -7.05 -2.07 -0.86
CA CYS A 67 -7.83 -0.99 -0.31
C CYS A 67 -8.56 -0.27 -1.44
N CYS A 68 -7.86 -0.07 -2.57
CA CYS A 68 -8.50 0.68 -3.65
C CYS A 68 -9.64 -0.09 -4.34
N THR A 69 -9.58 -1.41 -4.28
CA THR A 69 -10.63 -2.25 -4.85
C THR A 69 -11.86 -2.20 -3.93
N LEU A 70 -11.66 -2.34 -2.62
CA LEU A 70 -12.73 -2.12 -1.65
C LEU A 70 -13.39 -0.78 -1.85
N GLU A 71 -12.56 0.26 -1.90
CA GLU A 71 -13.05 1.60 -2.12
C GLU A 71 -13.87 1.72 -3.43
N ALA A 72 -13.37 1.19 -4.55
CA ALA A 72 -14.09 1.38 -5.83
C ALA A 72 -15.50 0.73 -5.82
N ILE A 73 -15.60 -0.44 -5.23
CA ILE A 73 -16.88 -1.15 -5.14
C ILE A 73 -17.83 -0.45 -4.19
N LEU A 74 -17.33 -0.03 -3.04
CA LEU A 74 -18.21 0.60 -2.08
C LEU A 74 -18.76 1.93 -2.60
N LEU A 75 -17.91 2.68 -3.30
CA LEU A 75 -18.30 3.94 -3.97
C LEU A 75 -19.32 3.66 -5.08
N ALA A 76 -19.05 2.67 -5.93
CA ALA A 76 -20.07 2.25 -6.90
C ALA A 76 -21.42 1.89 -6.26
N ALA A 77 -21.39 1.34 -5.06
CA ALA A 77 -22.61 1.02 -4.33
C ALA A 77 -23.28 2.24 -3.66
N GLY A 78 -22.74 3.45 -3.87
CA GLY A 78 -23.39 4.67 -3.35
C GLY A 78 -23.09 4.98 -1.88
N LEU A 79 -22.05 4.36 -1.33
CA LEU A 79 -21.67 4.60 0.05
C LEU A 79 -20.64 5.72 0.15
N ARG A 80 -20.56 6.31 1.34
CA ARG A 80 -19.53 7.29 1.65
C ARG A 80 -18.34 6.56 2.25
N VAL A 81 -17.17 6.71 1.63
CA VAL A 81 -15.99 5.91 1.95
C VAL A 81 -14.75 6.79 2.12
N GLY A 82 -13.96 6.50 3.18
CA GLY A 82 -12.63 7.03 3.34
C GLY A 82 -11.56 5.98 3.32
N VAL A 83 -10.42 6.31 2.70
CA VAL A 83 -9.26 5.44 2.71
C VAL A 83 -8.06 6.18 3.25
N TYR A 84 -7.37 5.57 4.21
CA TYR A 84 -6.09 6.03 4.65
C TYR A 84 -5.03 5.12 4.07
N SER A 85 -4.01 5.73 3.50
CA SER A 85 -2.90 4.97 2.87
C SER A 85 -1.57 5.65 3.12
N SER A 86 -0.52 4.89 2.90
CA SER A 86 0.83 5.31 3.13
C SER A 86 1.75 4.35 2.34
N PRO A 87 2.91 4.85 1.92
CA PRO A 87 3.42 6.18 1.99
C PRO A 87 2.80 6.96 0.79
N HIS A 88 3.30 8.14 0.45
CA HIS A 88 2.80 8.87 -0.74
C HIS A 88 3.86 9.04 -1.84
N LEU A 89 3.43 9.38 -3.05
CA LEU A 89 4.35 9.55 -4.16
C LEU A 89 4.81 11.00 -4.28
N LEU A 90 3.86 11.89 -4.57
CA LEU A 90 4.16 13.30 -4.80
C LEU A 90 3.58 14.23 -3.74
N ARG A 91 2.40 13.91 -3.21
CA ARG A 91 1.70 14.80 -2.28
C ARG A 91 1.25 14.07 -1.05
N TYR A 92 1.50 14.67 0.12
CA TYR A 92 0.99 14.13 1.39
C TYR A 92 -0.53 13.96 1.34
N THR A 93 -1.23 14.85 0.67
CA THR A 93 -2.67 14.75 0.55
C THR A 93 -3.16 13.44 -0.12
N GLU A 94 -2.26 12.71 -0.81
CA GLU A 94 -2.60 11.35 -1.29
C GLU A 94 -3.03 10.39 -0.18
N ARG A 95 -2.60 10.65 1.06
CA ARG A 95 -2.75 9.67 2.14
C ARG A 95 -4.20 9.57 2.67
N VAL A 96 -5.04 10.53 2.31
CA VAL A 96 -6.42 10.51 2.79
C VAL A 96 -7.38 10.76 1.65
N ARG A 97 -8.14 9.74 1.24
CA ARG A 97 -9.11 9.97 0.19
C ARG A 97 -10.49 9.88 0.77
N ILE A 98 -11.39 10.80 0.40
CA ILE A 98 -12.79 10.71 0.78
C ILE A 98 -13.61 10.80 -0.53
N GLN A 99 -14.56 9.89 -0.72
CA GLN A 99 -15.27 9.74 -2.00
C GLN A 99 -14.27 9.64 -3.18
N GLY A 100 -13.12 9.05 -2.92
CA GLY A 100 -12.12 8.82 -3.98
C GLY A 100 -11.24 9.98 -4.28
N GLN A 101 -11.40 11.07 -3.52
CA GLN A 101 -10.73 12.33 -3.84
C GLN A 101 -9.85 12.77 -2.69
N GLU A 102 -8.73 13.44 -3.01
CA GLU A 102 -7.91 14.12 -2.03
C GLU A 102 -8.58 15.36 -1.48
N LEU A 103 -8.24 15.67 -0.23
CA LEU A 103 -8.73 16.85 0.42
C LEU A 103 -7.75 18.02 0.20
N SER A 104 -8.19 19.20 0.57
CA SER A 104 -7.34 20.40 0.42
C SER A 104 -6.24 20.38 1.48
N GLU A 105 -5.14 21.07 1.20
CA GLU A 105 -4.09 21.19 2.22
C GLU A 105 -4.64 21.88 3.46
N ALA A 106 -5.50 22.87 3.26
CA ALA A 106 -6.05 23.62 4.39
C ALA A 106 -6.86 22.73 5.36
N GLU A 107 -7.62 21.78 4.83
CA GLU A 107 -8.36 20.79 5.66
CA GLU A 107 -8.35 20.88 5.74
C GLU A 107 -7.38 19.98 6.53
N HIS A 108 -6.28 19.57 5.91
CA HIS A 108 -5.23 18.84 6.67
C HIS A 108 -4.59 19.69 7.77
N SER A 109 -4.25 20.93 7.45
CA SER A 109 -3.66 21.80 8.48
C SER A 109 -4.61 21.98 9.65
N HIS A 110 -5.89 22.22 9.38
CA HIS A 110 -6.85 22.36 10.45
C HIS A 110 -6.96 21.10 11.31
N SER A 111 -6.93 19.93 10.68
CA SER A 111 -6.98 18.68 11.37
C SER A 111 -5.74 18.46 12.22
N PHE A 112 -4.56 18.70 11.65
CA PHE A 112 -3.31 18.55 12.42
C PHE A 112 -3.36 19.47 13.65
N ALA A 113 -3.88 20.68 13.49
CA ALA A 113 -3.97 21.60 14.61
C ALA A 113 -4.87 21.08 15.75
N GLN A 114 -5.95 20.39 15.40
CA GLN A 114 -6.80 19.74 16.40
C GLN A 114 -6.04 18.63 17.13
N ILE A 115 -5.24 17.85 16.40
CA ILE A 115 -4.41 16.79 17.04
C ILE A 115 -3.37 17.39 17.96
N GLU A 116 -2.72 18.46 17.50
CA GLU A 116 -1.68 19.10 18.32
C GLU A 116 -2.28 19.56 19.64
N ALA A 117 -3.47 20.16 19.59
CA ALA A 117 -4.10 20.68 20.79
C ALA A 117 -4.51 19.51 21.72
N GLY A 118 -5.10 18.49 21.13
CA GLY A 118 -5.54 17.32 21.89
C GLY A 118 -4.46 16.48 22.56
N ARG A 119 -3.27 16.41 21.98
CA ARG A 119 -2.24 15.53 22.55
C ARG A 119 -1.66 16.06 23.88
N GLY A 120 -1.76 17.37 24.12
CA GLY A 120 -1.26 17.93 25.38
C GLY A 120 0.23 17.71 25.48
N ASP A 121 0.67 17.02 26.52
CA ASP A 121 2.10 16.73 26.68
CA ASP A 121 2.09 16.71 26.73
C ASP A 121 2.51 15.34 26.18
N ILE A 122 1.58 14.62 25.55
CA ILE A 122 1.86 13.27 25.08
C ILE A 122 2.61 13.35 23.78
N SER A 123 3.77 12.70 23.70
CA SER A 123 4.52 12.70 22.44
C SER A 123 3.92 11.73 21.46
N LEU A 124 3.95 12.11 20.19
CA LEU A 124 3.51 11.29 19.09
C LEU A 124 4.55 11.29 17.97
N THR A 125 4.65 10.17 17.28
CA THR A 125 5.43 10.07 16.06
C THR A 125 4.74 10.74 14.86
N TYR A 126 5.52 10.94 13.81
CA TYR A 126 5.00 11.42 12.51
C TYR A 126 3.78 10.61 12.10
N PHE A 127 3.89 9.29 12.09
CA PHE A 127 2.82 8.44 11.58
C PHE A 127 1.64 8.39 12.52
N GLU A 128 1.91 8.40 13.83
CA GLU A 128 0.83 8.50 14.82
C GLU A 128 0.02 9.79 14.61
N PHE A 129 0.71 10.92 14.51
CA PHE A 129 0.10 12.19 14.25
C PHE A 129 -0.74 12.14 12.96
N GLY A 130 -0.14 11.66 11.89
CA GLY A 130 -0.84 11.54 10.61
C GLY A 130 -2.08 10.66 10.69
N THR A 131 -1.97 9.57 11.45
CA THR A 131 -3.06 8.60 11.54
C THR A 131 -4.21 9.20 12.34
N LEU A 132 -3.89 9.84 13.46
CA LEU A 132 -4.96 10.56 14.21
C LEU A 132 -5.61 11.67 13.36
N SER A 133 -4.82 12.43 12.62
CA SER A 133 -5.37 13.45 11.74
C SER A 133 -6.34 12.82 10.69
N ALA A 134 -5.92 11.72 10.06
CA ALA A 134 -6.81 11.00 9.13
C ALA A 134 -8.14 10.58 9.81
N LEU A 135 -8.06 10.08 11.03
CA LEU A 135 -9.26 9.70 11.79
C LEU A 135 -10.19 10.87 12.07
N GLN A 136 -9.60 12.03 12.35
CA GLN A 136 -10.37 13.23 12.51
C GLN A 136 -11.01 13.65 11.21
N LEU A 137 -10.25 13.60 10.13
CA LEU A 137 -10.81 13.96 8.83
C LEU A 137 -11.96 13.04 8.44
N PHE A 138 -11.82 11.75 8.71
CA PHE A 138 -12.91 10.80 8.46
C PHE A 138 -14.15 11.06 9.33
N LYS A 139 -13.94 11.21 10.63
CA LYS A 139 -15.02 11.50 11.58
C LYS A 139 -15.90 12.67 11.11
N GLN A 140 -15.27 13.79 10.76
CA GLN A 140 -16.03 14.96 10.34
C GLN A 140 -16.75 14.78 9.00
N ALA A 141 -16.31 13.83 8.19
CA ALA A 141 -16.92 13.55 6.91
C ALA A 141 -18.16 12.67 6.92
N LYS A 142 -18.59 12.16 8.07
CA LYS A 142 -19.86 11.39 8.14
C LYS A 142 -19.90 10.23 7.13
N LEU A 143 -18.94 9.32 7.29
CA LEU A 143 -18.75 8.24 6.32
C LEU A 143 -19.49 6.97 6.76
N ASP A 144 -19.69 6.09 5.79
CA ASP A 144 -20.29 4.76 5.99
C ASP A 144 -19.22 3.75 6.30
N VAL A 145 -18.09 3.83 5.59
CA VAL A 145 -17.03 2.84 5.72
C VAL A 145 -15.67 3.53 5.64
N VAL A 146 -14.76 3.12 6.52
CA VAL A 146 -13.40 3.57 6.52
C VAL A 146 -12.48 2.37 6.37
N ILE A 147 -11.51 2.54 5.46
CA ILE A 147 -10.54 1.52 5.14
C ILE A 147 -9.18 2.04 5.57
N LEU A 148 -8.52 1.30 6.46
CA LEU A 148 -7.24 1.69 7.00
C LEU A 148 -6.15 0.78 6.49
N GLU A 149 -5.25 1.33 5.70
CA GLU A 149 -4.01 0.62 5.33
C GLU A 149 -2.99 0.68 6.47
N VAL A 150 -2.56 -0.49 6.93
CA VAL A 150 -1.57 -0.55 7.99
C VAL A 150 -0.22 0.00 7.51
N GLY A 151 0.39 0.87 8.31
CA GLY A 151 1.63 1.49 7.90
C GLY A 151 2.79 0.52 7.90
N LEU A 152 2.94 -0.19 9.00
CA LEU A 152 4.03 -1.14 9.22
C LEU A 152 3.58 -2.23 10.16
N GLY A 153 3.73 -3.47 9.74
CA GLY A 153 3.48 -4.61 10.64
C GLY A 153 1.99 -4.83 10.90
N GLY A 154 1.58 -4.64 12.15
CA GLY A 154 0.18 -4.64 12.54
C GLY A 154 -0.03 -4.38 14.02
N ARG A 155 0.48 -5.29 14.85
CA ARG A 155 0.26 -5.28 16.29
C ARG A 155 0.50 -3.89 16.90
N LEU A 156 1.59 -3.25 16.48
CA LEU A 156 1.98 -1.95 17.05
C LEU A 156 1.78 -0.79 16.09
N ASP A 157 1.11 -1.03 14.96
CA ASP A 157 0.81 0.11 14.04
C ASP A 157 -0.25 1.02 14.60
N ALA A 158 -0.09 2.33 14.38
CA ALA A 158 -1.08 3.30 14.83
C ALA A 158 -2.51 2.96 14.38
N THR A 159 -2.67 2.41 13.19
CA THR A 159 -4.02 2.03 12.74
C THR A 159 -4.69 0.93 13.60
N ASN A 160 -3.90 0.19 14.37
CA ASN A 160 -4.43 -0.88 15.20
C ASN A 160 -5.06 -0.40 16.51
N ILE A 161 -5.16 0.90 16.70
CA ILE A 161 -5.92 1.41 17.85
C ILE A 161 -7.41 1.33 17.58
N VAL A 162 -7.79 1.23 16.30
CA VAL A 162 -9.20 1.21 15.91
C VAL A 162 -9.64 -0.25 15.79
N ASP A 163 -10.82 -0.59 16.30
CA ASP A 163 -11.29 -1.98 16.20
C ASP A 163 -12.01 -2.16 14.86
N SER A 164 -11.45 -3.01 14.00
CA SER A 164 -12.04 -3.22 12.68
C SER A 164 -13.16 -4.25 12.75
N ASP A 165 -14.07 -4.13 11.79
CA ASP A 165 -15.12 -5.09 11.57
C ASP A 165 -14.67 -6.30 10.75
N VAL A 166 -13.74 -6.07 9.80
CA VAL A 166 -13.04 -7.15 9.11
C VAL A 166 -11.57 -6.71 8.98
N ALA A 167 -10.65 -7.64 9.22
CA ALA A 167 -9.23 -7.36 9.00
C ALA A 167 -8.72 -8.29 7.94
N ALA A 168 -7.68 -7.88 7.24
CA ALA A 168 -7.12 -8.70 6.19
C ALA A 168 -5.60 -8.68 6.22
N ILE A 169 -5.03 -9.80 5.83
CA ILE A 169 -3.63 -9.88 5.45
C ILE A 169 -3.53 -10.24 3.96
N THR A 170 -2.89 -9.37 3.19
CA THR A 170 -2.86 -9.52 1.74
C THR A 170 -1.81 -10.48 1.21
N SER A 171 -0.66 -10.54 1.89
CA SER A 171 0.47 -11.38 1.50
C SER A 171 1.49 -11.32 2.63
N ILE A 172 2.36 -12.33 2.63
CA ILE A 172 3.50 -12.38 3.53
C ILE A 172 4.74 -12.67 2.68
N ALA A 173 5.74 -11.79 2.77
CA ALA A 173 7.01 -11.98 2.10
C ALA A 173 8.06 -11.18 2.84
N LEU A 174 9.34 -11.46 2.60
CA LEU A 174 10.42 -10.70 3.20
C LEU A 174 10.49 -9.39 2.44
N ASP A 175 10.74 -8.29 3.15
CA ASP A 175 10.71 -6.93 2.56
C ASP A 175 11.78 -6.04 3.17
N HIS A 176 12.96 -6.61 3.32
CA HIS A 176 14.08 -6.00 4.04
C HIS A 176 15.22 -6.99 3.98
N THR A 177 16.45 -6.51 4.02
CA THR A 177 17.64 -7.37 4.12
C THR A 177 17.56 -8.06 5.49
N ASP A 178 18.57 -8.84 5.88
CA ASP A 178 18.56 -9.53 7.18
C ASP A 178 18.27 -8.63 8.36
N TRP A 179 17.65 -9.25 9.37
CA TRP A 179 17.12 -8.57 10.55
C TRP A 179 16.93 -9.67 11.57
N LEU A 180 17.06 -9.34 12.86
CA LEU A 180 16.89 -10.32 13.93
C LEU A 180 15.55 -11.05 13.87
N GLY A 181 15.56 -12.37 13.84
CA GLY A 181 14.30 -13.11 13.92
C GLY A 181 13.32 -12.83 12.79
N TYR A 182 13.82 -12.37 11.65
CA TYR A 182 12.92 -11.87 10.62
C TYR A 182 12.64 -12.97 9.60
N ASP A 183 11.55 -13.70 9.82
CA ASP A 183 11.17 -14.81 8.96
C ASP A 183 9.66 -14.73 8.76
N ARG A 184 9.11 -15.61 7.92
CA ARG A 184 7.66 -15.60 7.63
C ARG A 184 6.81 -15.72 8.88
N GLU A 185 7.21 -16.53 9.83
CA GLU A 185 6.46 -16.70 11.06
C GLU A 185 6.37 -15.40 11.85
N SER A 186 7.52 -14.73 12.01
CA SER A 186 7.58 -13.47 12.75
C SER A 186 6.72 -12.40 12.07
N ILE A 187 6.88 -12.35 10.75
CA ILE A 187 6.20 -11.35 9.92
C ILE A 187 4.69 -11.57 10.05
N GLY A 188 4.24 -12.81 9.95
CA GLY A 188 2.85 -13.09 10.08
C GLY A 188 2.24 -12.81 11.45
N ARG A 189 2.95 -13.15 12.52
CA ARG A 189 2.46 -12.94 13.88
C ARG A 189 2.16 -11.46 14.09
N GLU A 190 3.10 -10.63 13.69
CA GLU A 190 2.97 -9.19 13.86
C GLU A 190 1.77 -8.62 13.09
N LYS A 191 1.62 -8.99 11.83
CA LYS A 191 0.49 -8.53 11.03
C LYS A 191 -0.84 -8.96 11.61
N ALA A 192 -0.90 -10.16 12.17
CA ALA A 192 -2.13 -10.76 12.69
C ALA A 192 -2.64 -10.03 13.92
N GLY A 193 -1.80 -9.15 14.49
CA GLY A 193 -2.22 -8.34 15.62
C GLY A 193 -3.35 -7.38 15.27
N VAL A 194 -3.66 -7.18 13.98
CA VAL A 194 -4.82 -6.38 13.61
C VAL A 194 -6.14 -7.17 13.67
N PHE A 195 -6.07 -8.49 13.86
CA PHE A 195 -7.27 -9.30 13.92
C PHE A 195 -8.03 -8.94 15.20
N ARG A 196 -9.31 -9.31 15.23
CA ARG A 196 -10.19 -9.06 16.39
C ARG A 196 -11.05 -10.24 16.73
N GLY A 197 -11.25 -10.44 18.04
CA GLY A 197 -12.11 -11.53 18.53
C GLY A 197 -13.51 -11.43 17.95
N GLY A 198 -14.05 -12.55 17.50
CA GLY A 198 -15.41 -12.59 16.94
C GLY A 198 -15.58 -11.95 15.57
N LYS A 199 -14.47 -11.51 14.96
CA LYS A 199 -14.53 -10.86 13.66
C LYS A 199 -13.80 -11.68 12.59
N PRO A 200 -14.22 -11.54 11.34
CA PRO A 200 -13.50 -12.19 10.22
C PRO A 200 -12.07 -11.70 10.06
N ALA A 201 -11.16 -12.65 9.89
CA ALA A 201 -9.75 -12.42 9.65
C ALA A 201 -9.45 -13.05 8.27
N VAL A 202 -9.39 -12.24 7.24
CA VAL A 202 -9.28 -12.69 5.85
C VAL A 202 -7.79 -12.77 5.48
N VAL A 203 -7.33 -13.93 5.04
CA VAL A 203 -5.94 -14.10 4.67
C VAL A 203 -5.86 -14.44 3.17
N GLY A 204 -5.31 -13.53 2.40
CA GLY A 204 -5.11 -13.68 0.98
C GLY A 204 -3.75 -14.18 0.57
N GLU A 205 -2.93 -14.56 1.57
CA GLU A 205 -1.65 -15.23 1.37
C GLU A 205 -1.88 -16.73 1.21
N PRO A 206 -1.51 -17.30 0.05
CA PRO A 206 -1.74 -18.72 -0.12
C PRO A 206 -0.75 -19.58 0.68
N ASP A 207 0.46 -19.10 0.98
CA ASP A 207 1.43 -19.91 1.75
C ASP A 207 1.48 -19.29 3.15
N MET A 208 0.42 -19.53 3.92
CA MET A 208 0.24 -18.81 5.17
C MET A 208 1.11 -19.40 6.31
N PRO A 209 1.94 -18.57 6.96
CA PRO A 209 2.64 -19.08 8.14
C PRO A 209 1.69 -19.42 9.27
N GLN A 210 2.06 -20.47 10.02
CA GLN A 210 1.25 -20.99 11.12
C GLN A 210 0.94 -19.95 12.17
N SER A 211 1.91 -19.06 12.43
CA SER A 211 1.70 -17.98 13.39
C SER A 211 0.40 -17.19 13.18
N ILE A 212 -0.04 -17.02 11.94
CA ILE A 212 -1.27 -16.28 11.68
C ILE A 212 -2.48 -17.05 12.25
N ALA A 213 -2.54 -18.35 11.99
CA ALA A 213 -3.57 -19.19 12.59
C ALA A 213 -3.46 -19.16 14.10
N ASP A 214 -2.24 -19.21 14.64
CA ASP A 214 -2.05 -19.20 16.09
C ASP A 214 -2.62 -17.94 16.71
N VAL A 215 -2.30 -16.77 16.13
CA VAL A 215 -2.77 -15.49 16.66
C VAL A 215 -4.30 -15.43 16.52
N ALA A 216 -4.83 -15.86 15.38
CA ALA A 216 -6.30 -15.89 15.23
C ALA A 216 -6.99 -16.71 16.34
N ALA A 217 -6.40 -17.86 16.70
CA ALA A 217 -6.96 -18.73 17.74
C ALA A 217 -6.80 -18.03 19.09
N GLU A 218 -5.62 -17.43 19.33
CA GLU A 218 -5.31 -16.73 20.59
C GLU A 218 -6.34 -15.64 20.85
N LEU A 219 -6.68 -14.91 19.79
CA LEU A 219 -7.64 -13.81 19.87
C LEU A 219 -9.10 -14.22 19.71
N GLY A 220 -9.37 -15.41 19.18
CA GLY A 220 -10.74 -15.82 18.86
C GLY A 220 -11.32 -15.17 17.60
N ALA A 221 -10.46 -14.81 16.65
CA ALA A 221 -10.92 -14.32 15.33
C ALA A 221 -11.31 -15.52 14.44
N GLN A 222 -12.16 -15.26 13.44
CA GLN A 222 -12.61 -16.28 12.50
C GLN A 222 -11.75 -16.21 11.26
N LEU A 223 -10.90 -17.20 11.09
CA LEU A 223 -9.92 -17.18 10.00
C LEU A 223 -10.53 -17.72 8.72
N TYR A 224 -10.44 -16.92 7.65
CA TYR A 224 -10.93 -17.29 6.33
C TYR A 224 -9.78 -17.16 5.32
N ARG A 225 -9.19 -18.32 5.01
CA ARG A 225 -7.97 -18.39 4.19
C ARG A 225 -8.24 -18.61 2.71
N ARG A 226 -7.46 -17.90 1.87
CA ARG A 226 -7.38 -18.26 0.45
C ARG A 226 -6.99 -19.73 0.29
N ASP A 227 -7.64 -20.40 -0.65
CA ASP A 227 -7.50 -21.84 -0.95
C ASP A 227 -8.05 -22.79 0.10
N VAL A 228 -8.66 -22.26 1.15
CA VAL A 228 -9.36 -23.07 2.13
C VAL A 228 -10.84 -22.65 2.10
N ALA A 229 -11.13 -21.42 2.49
CA ALA A 229 -12.53 -20.93 2.57
C ALA A 229 -12.98 -20.23 1.29
N TRP A 230 -12.04 -19.68 0.55
CA TRP A 230 -12.36 -18.96 -0.67
C TRP A 230 -11.18 -19.05 -1.62
N LYS A 231 -11.46 -18.86 -2.91
CA LYS A 231 -10.44 -19.01 -3.96
C LYS A 231 -10.87 -18.30 -5.25
N PHE A 232 -9.97 -18.22 -6.22
CA PHE A 232 -10.28 -17.56 -7.47
C PHE A 232 -9.47 -18.16 -8.59
N SER A 233 -9.81 -17.82 -9.82
CA SER A 233 -8.95 -18.11 -10.96
C SER A 233 -9.21 -17.28 -12.20
N GLN A 234 -8.25 -17.32 -13.14
CA GLN A 234 -8.41 -17.03 -14.60
C GLN A 234 -7.77 -15.70 -14.99
N ASN A 249 -15.00 -13.57 -21.28
CA ASN A 249 -13.81 -14.14 -20.61
C ASN A 249 -13.80 -13.93 -19.06
N GLY A 250 -12.99 -12.98 -18.58
CA GLY A 250 -13.00 -12.56 -17.18
C GLY A 250 -12.27 -13.46 -16.19
N TRP A 251 -12.66 -13.36 -14.93
CA TRP A 251 -12.14 -14.20 -13.88
C TRP A 251 -13.26 -14.58 -12.91
N HIS A 252 -12.97 -15.58 -12.07
CA HIS A 252 -13.98 -16.20 -11.23
C HIS A 252 -13.54 -16.23 -9.77
N TRP A 253 -14.51 -16.08 -8.88
CA TRP A 253 -14.26 -16.06 -7.44
C TRP A 253 -15.30 -16.91 -6.74
N GLN A 254 -14.87 -17.62 -5.69
CA GLN A 254 -15.72 -18.59 -5.01
C GLN A 254 -15.49 -18.55 -3.49
N CYS A 255 -16.58 -18.55 -2.73
CA CYS A 255 -16.54 -18.86 -1.31
C CYS A 255 -17.63 -19.90 -0.98
N GLY A 256 -17.18 -21.15 -0.83
CA GLY A 256 -18.11 -22.31 -0.77
C GLY A 256 -18.94 -22.42 -2.05
N GLU A 257 -20.25 -22.30 -1.90
CA GLU A 257 -21.17 -22.35 -3.03
C GLU A 257 -21.50 -21.01 -3.65
N ARG A 258 -21.00 -19.91 -3.07
CA ARG A 258 -21.13 -18.60 -3.70
C ARG A 258 -20.07 -18.43 -4.77
N GLN A 259 -20.50 -18.18 -6.01
CA GLN A 259 -19.61 -17.96 -7.13
C GLN A 259 -19.96 -16.63 -7.79
N LEU A 260 -18.94 -15.80 -8.00
CA LEU A 260 -19.06 -14.64 -8.85
C LEU A 260 -18.24 -14.95 -10.11
N THR A 261 -18.96 -15.05 -11.23
CA THR A 261 -18.39 -15.60 -12.46
C THR A 261 -18.24 -14.57 -13.56
N GLY A 262 -17.18 -14.72 -14.36
CA GLY A 262 -16.99 -13.84 -15.50
C GLY A 262 -16.84 -12.40 -15.09
N LEU A 263 -16.11 -12.17 -14.00
CA LEU A 263 -15.90 -10.82 -13.48
C LEU A 263 -14.95 -10.03 -14.38
N PRO A 264 -15.16 -8.70 -14.46
CA PRO A 264 -14.17 -7.88 -15.16
C PRO A 264 -12.79 -7.98 -14.52
N VAL A 265 -11.74 -8.08 -15.33
CA VAL A 265 -10.36 -8.13 -14.84
C VAL A 265 -9.92 -6.69 -14.45
N PRO A 266 -9.65 -6.44 -13.15
CA PRO A 266 -9.24 -5.09 -12.77
C PRO A 266 -7.77 -4.75 -13.06
N ASN A 267 -7.44 -3.45 -13.11
CA ASN A 267 -6.04 -3.02 -13.22
CA ASN A 267 -6.02 -2.98 -13.20
C ASN A 267 -5.36 -2.96 -11.83
N VAL A 268 -5.49 -4.06 -11.11
CA VAL A 268 -4.79 -4.32 -9.87
C VAL A 268 -4.43 -5.80 -9.89
N PRO A 269 -3.45 -6.20 -9.09
CA PRO A 269 -3.19 -7.63 -9.04
C PRO A 269 -4.43 -8.40 -8.62
N LEU A 270 -4.72 -9.47 -9.36
CA LEU A 270 -5.95 -10.24 -9.15
C LEU A 270 -6.08 -10.79 -7.76
N ALA A 271 -4.96 -11.30 -7.21
CA ALA A 271 -4.96 -11.81 -5.82
C ALA A 271 -5.60 -10.81 -4.87
N ASN A 272 -5.26 -9.52 -5.03
CA ASN A 272 -5.71 -8.48 -4.12
C ASN A 272 -7.19 -8.14 -4.34
N ALA A 273 -7.65 -8.23 -5.58
CA ALA A 273 -9.10 -8.05 -5.84
C ALA A 273 -9.86 -9.18 -5.19
N ALA A 274 -9.26 -10.39 -5.22
CA ALA A 274 -9.90 -11.54 -4.64
C ALA A 274 -9.97 -11.38 -3.12
N THR A 275 -8.88 -10.91 -2.52
CA THR A 275 -8.90 -10.59 -1.07
C THR A 275 -9.99 -9.56 -0.72
N ALA A 276 -10.11 -8.49 -1.53
CA ALA A 276 -11.15 -7.51 -1.36
C ALA A 276 -12.54 -8.09 -1.41
N LEU A 277 -12.82 -8.91 -2.43
CA LEU A 277 -14.14 -9.57 -2.46
C LEU A 277 -14.40 -10.39 -1.20
N ALA A 278 -13.38 -11.10 -0.71
CA ALA A 278 -13.55 -11.90 0.51
C ALA A 278 -13.87 -10.99 1.70
N VAL A 279 -13.14 -9.87 1.82
CA VAL A 279 -13.46 -8.95 2.91
C VAL A 279 -14.94 -8.51 2.80
N LEU A 280 -15.36 -8.15 1.60
CA LEU A 280 -16.73 -7.67 1.41
C LEU A 280 -17.75 -8.75 1.71
N HIS A 281 -17.47 -9.95 1.24
CA HIS A 281 -18.32 -11.11 1.55
C HIS A 281 -18.47 -11.31 3.05
N TYR A 282 -17.35 -11.41 3.76
CA TYR A 282 -17.47 -11.67 5.22
C TYR A 282 -17.96 -10.46 6.01
N SER A 283 -17.86 -9.25 5.46
CA SER A 283 -18.46 -8.09 6.10
C SER A 283 -19.99 -8.13 6.16
N GLU A 284 -20.61 -8.89 5.26
CA GLU A 284 -22.09 -8.99 5.12
C GLU A 284 -22.74 -7.67 4.65
N LEU A 285 -21.96 -6.70 4.20
CA LEU A 285 -22.58 -5.52 3.59
C LEU A 285 -23.38 -5.92 2.37
N PRO A 286 -24.59 -5.38 2.24
CA PRO A 286 -25.36 -5.73 1.05
C PRO A 286 -24.84 -4.93 -0.14
N LEU A 287 -24.40 -5.60 -1.20
CA LEU A 287 -23.80 -4.95 -2.35
C LEU A 287 -24.32 -5.60 -3.63
N SER A 288 -24.73 -4.79 -4.58
CA SER A 288 -25.28 -5.29 -5.86
C SER A 288 -24.20 -5.89 -6.72
N ASP A 289 -24.62 -6.83 -7.58
CA ASP A 289 -23.77 -7.35 -8.63
C ASP A 289 -23.20 -6.20 -9.46
N GLU A 290 -24.06 -5.25 -9.81
CA GLU A 290 -23.62 -4.10 -10.60
C GLU A 290 -22.45 -3.29 -9.95
N ALA A 291 -22.53 -3.04 -8.64
CA ALA A 291 -21.52 -2.23 -7.96
C ALA A 291 -20.22 -2.96 -7.91
N ILE A 292 -20.28 -4.30 -7.70
CA ILE A 292 -19.09 -5.11 -7.69
C ILE A 292 -18.38 -5.07 -9.04
N ARG A 293 -19.14 -5.21 -10.11
CA ARG A 293 -18.54 -5.22 -11.44
C ARG A 293 -17.99 -3.82 -11.81
N GLN A 294 -18.75 -2.79 -11.50
CA GLN A 294 -18.35 -1.42 -11.79
C GLN A 294 -17.09 -1.05 -11.01
N GLY A 295 -17.05 -1.46 -9.74
CA GLY A 295 -15.87 -1.25 -8.87
C GLY A 295 -14.62 -1.90 -9.45
N LEU A 296 -14.75 -3.17 -9.83
CA LEU A 296 -13.63 -3.91 -10.42
C LEU A 296 -13.12 -3.22 -11.69
N GLN A 297 -14.02 -2.70 -12.51
CA GLN A 297 -13.62 -2.01 -13.73
C GLN A 297 -12.93 -0.68 -13.47
N ALA A 298 -13.20 -0.07 -12.30
CA ALA A 298 -12.60 1.22 -11.95
C ALA A 298 -11.28 1.12 -11.16
N ALA A 299 -11.04 0.00 -10.46
CA ALA A 299 -10.02 -0.04 -9.44
C ALA A 299 -8.61 0.10 -10.08
N SER A 300 -7.80 1.03 -9.57
CA SER A 300 -6.38 1.14 -9.95
C SER A 300 -5.74 2.13 -8.99
N LEU A 301 -4.42 2.14 -8.96
CA LEU A 301 -3.67 3.08 -8.20
C LEU A 301 -2.44 3.51 -9.01
N PRO A 302 -2.09 4.80 -8.96
CA PRO A 302 -0.90 5.31 -9.61
C PRO A 302 0.34 4.57 -9.14
N GLY A 303 1.20 4.22 -10.07
CA GLY A 303 2.44 3.57 -9.73
C GLY A 303 2.32 2.09 -9.52
N ARG A 304 1.14 1.50 -9.68
CA ARG A 304 0.97 0.04 -9.58
C ARG A 304 0.59 -0.45 -10.98
N PHE A 305 1.60 -0.94 -11.69
CA PHE A 305 1.54 -1.33 -13.10
C PHE A 305 0.77 -0.31 -13.89
N GLN A 306 1.23 0.93 -13.81
CA GLN A 306 0.55 2.03 -14.47
C GLN A 306 1.13 2.28 -15.85
N VAL A 307 0.30 2.16 -16.88
CA VAL A 307 0.75 2.44 -18.26
C VAL A 307 0.66 3.96 -18.50
N VAL A 308 1.79 4.56 -18.84
CA VAL A 308 1.91 6.01 -19.05
C VAL A 308 1.98 6.33 -20.52
N SER A 309 2.46 5.37 -21.30
CA SER A 309 2.64 5.59 -22.72
C SER A 309 2.62 4.26 -23.47
N GLU A 310 2.32 4.33 -24.75
CA GLU A 310 2.22 3.17 -25.63
C GLU A 310 3.18 3.34 -26.80
N GLN A 311 3.68 2.22 -27.31
CA GLN A 311 4.39 2.20 -28.58
C GLN A 311 5.57 3.21 -28.58
N PRO A 312 6.52 3.08 -27.60
CA PRO A 312 6.72 2.01 -26.66
C PRO A 312 5.89 2.09 -25.38
N LEU A 313 5.60 0.92 -24.84
CA LEU A 313 4.88 0.81 -23.58
C LEU A 313 5.79 1.31 -22.45
N LEU A 314 5.35 2.33 -21.71
CA LEU A 314 6.07 2.83 -20.54
C LEU A 314 5.19 2.55 -19.32
N ILE A 315 5.73 1.73 -18.42
CA ILE A 315 5.02 1.28 -17.23
C ILE A 315 5.75 1.72 -15.96
N LEU A 316 5.00 2.17 -14.98
CA LEU A 316 5.55 2.48 -13.66
C LEU A 316 5.05 1.48 -12.63
N ASP A 317 5.97 0.92 -11.85
CA ASP A 317 5.61 -0.04 -10.80
C ASP A 317 6.56 0.04 -9.65
N VAL A 318 6.02 0.21 -8.44
CA VAL A 318 6.82 0.46 -7.24
C VAL A 318 7.48 -0.79 -6.60
N ALA A 319 7.40 -1.94 -7.27
CA ALA A 319 7.94 -3.19 -6.75
C ALA A 319 9.34 -2.98 -6.11
N HIS A 320 9.54 -3.49 -4.88
CA HIS A 320 10.78 -3.29 -4.12
C HIS A 320 11.23 -4.49 -3.29
N ASN A 321 10.72 -5.66 -3.65
CA ASN A 321 11.16 -6.91 -3.02
C ASN A 321 10.96 -8.05 -4.02
N PRO A 322 11.54 -9.21 -3.74
CA PRO A 322 11.45 -10.29 -4.74
C PRO A 322 10.05 -10.76 -5.03
N HIS A 323 9.18 -10.73 -4.02
CA HIS A 323 7.81 -11.19 -4.19
C HIS A 323 7.05 -10.29 -5.17
N ALA A 324 7.24 -8.98 -5.03
CA ALA A 324 6.70 -7.98 -5.95
C ALA A 324 7.32 -8.10 -7.36
N ALA A 325 8.63 -8.34 -7.43
CA ALA A 325 9.34 -8.52 -8.71
C ALA A 325 8.82 -9.76 -9.45
N ARG A 326 8.52 -10.82 -8.70
CA ARG A 326 8.00 -12.02 -9.31
C ARG A 326 6.65 -11.72 -9.98
N TYR A 327 5.80 -11.02 -9.25
CA TYR A 327 4.55 -10.58 -9.83
C TYR A 327 4.76 -9.70 -11.08
N LEU A 328 5.73 -8.78 -11.04
CA LEU A 328 5.96 -7.87 -12.15
C LEU A 328 6.44 -8.64 -13.40
N VAL A 329 7.31 -9.62 -13.19
CA VAL A 329 7.82 -10.46 -14.28
C VAL A 329 6.67 -11.22 -14.94
N ASN A 330 5.80 -11.78 -14.11
CA ASN A 330 4.64 -12.50 -14.62
C ASN A 330 3.72 -11.56 -15.43
N ARG A 331 3.65 -10.29 -15.01
CA ARG A 331 2.84 -9.29 -15.74
C ARG A 331 3.47 -8.79 -17.02
N LEU A 332 4.78 -8.55 -16.98
CA LEU A 332 5.52 -8.15 -18.17
C LEU A 332 5.44 -9.22 -19.26
N ALA A 333 5.52 -10.49 -18.84
CA ALA A 333 5.44 -11.63 -19.76
C ALA A 333 4.20 -11.57 -20.67
N GLN A 334 3.10 -11.00 -20.17
CA GLN A 334 1.88 -10.94 -20.97
C GLN A 334 1.59 -9.59 -21.69
N VAL A 335 2.58 -8.71 -21.77
CA VAL A 335 2.45 -7.46 -22.56
C VAL A 335 3.50 -7.34 -23.67
N GLY A 345 10.84 -7.36 -29.77
CA GLY A 345 10.56 -6.41 -28.66
C GLY A 345 11.29 -6.72 -27.36
N LYS A 346 11.93 -5.69 -26.76
CA LYS A 346 12.79 -5.86 -25.58
C LYS A 346 12.27 -5.11 -24.34
N VAL A 347 12.58 -5.62 -23.15
CA VAL A 347 12.20 -5.00 -21.87
C VAL A 347 13.41 -4.25 -21.30
N ARG A 348 13.23 -2.95 -21.11
CA ARG A 348 14.24 -2.03 -20.64
C ARG A 348 13.81 -1.58 -19.25
N ALA A 349 14.60 -1.85 -18.21
CA ALA A 349 14.19 -1.54 -16.84
C ALA A 349 15.00 -0.34 -16.35
N VAL A 350 14.30 0.65 -15.82
CA VAL A 350 14.88 1.83 -15.18
C VAL A 350 14.70 1.60 -13.70
N VAL A 351 15.79 1.43 -12.99
CA VAL A 351 15.70 0.91 -11.63
C VAL A 351 16.47 1.80 -10.66
N GLY A 352 15.83 2.07 -9.52
CA GLY A 352 16.48 2.63 -8.33
C GLY A 352 15.92 1.91 -7.11
N MET A 353 16.75 1.64 -6.11
CA MET A 353 16.29 0.98 -4.90
C MET A 353 16.92 1.52 -3.66
N LEU A 354 16.25 1.27 -2.56
CA LEU A 354 16.80 1.55 -1.24
C LEU A 354 17.74 0.42 -0.74
N SER A 355 18.78 0.83 -0.04
CA SER A 355 19.88 -0.04 0.34
C SER A 355 19.52 -1.10 1.38
N ASP A 356 18.52 -0.82 2.21
CA ASP A 356 18.07 -1.78 3.22
C ASP A 356 17.08 -2.83 2.67
N LYS A 357 16.83 -2.77 1.36
CA LYS A 357 15.99 -3.76 0.68
C LYS A 357 16.83 -4.91 0.16
N ASP A 358 16.16 -6.01 -0.18
CA ASP A 358 16.86 -7.12 -0.79
C ASP A 358 17.12 -6.81 -2.27
N ILE A 359 18.19 -6.06 -2.52
CA ILE A 359 18.54 -5.65 -3.87
C ILE A 359 18.91 -6.87 -4.71
N ALA A 360 19.72 -7.76 -4.14
CA ALA A 360 20.21 -8.93 -4.88
C ALA A 360 19.07 -9.78 -5.38
N GLY A 361 18.13 -10.09 -4.48
CA GLY A 361 17.01 -10.95 -4.83
C GLY A 361 16.01 -10.29 -5.77
N THR A 362 15.80 -9.00 -5.61
CA THR A 362 14.86 -8.25 -6.47
C THR A 362 15.39 -8.20 -7.93
N LEU A 363 16.65 -7.82 -8.08
CA LEU A 363 17.29 -7.78 -9.40
C LEU A 363 17.43 -9.15 -10.07
N ALA A 364 17.72 -10.20 -9.29
CA ALA A 364 17.83 -11.56 -9.85
C ALA A 364 16.51 -11.96 -10.48
N CYS A 365 15.43 -11.69 -9.78
CA CYS A 365 14.13 -12.06 -10.25
C CYS A 365 13.80 -11.28 -11.53
N LEU A 366 13.95 -9.98 -11.45
CA LEU A 366 13.65 -9.13 -12.62
C LEU A 366 14.52 -9.51 -13.82
N SER A 367 15.75 -9.94 -13.56
CA SER A 367 16.69 -10.28 -14.64
C SER A 367 16.21 -11.46 -15.48
N GLU A 368 15.20 -12.19 -15.00
CA GLU A 368 14.64 -13.27 -15.81
C GLU A 368 13.94 -12.75 -17.06
N ARG A 369 13.48 -11.49 -17.02
CA ARG A 369 12.73 -10.92 -18.13
C ARG A 369 13.33 -9.65 -18.72
N VAL A 370 14.05 -8.88 -17.92
CA VAL A 370 14.63 -7.63 -18.39
C VAL A 370 15.76 -7.89 -19.38
N ASP A 371 15.77 -7.15 -20.48
CA ASP A 371 16.80 -7.28 -21.52
C ASP A 371 17.91 -6.27 -21.36
N GLU A 372 17.53 -5.07 -20.98
CA GLU A 372 18.50 -3.96 -20.89
C GLU A 372 18.28 -3.21 -19.63
N TRP A 373 19.37 -2.90 -18.94
CA TRP A 373 19.26 -2.31 -17.58
C TRP A 373 19.79 -0.88 -17.54
N TYR A 374 19.01 0.00 -16.90
CA TYR A 374 19.31 1.42 -16.76
C TYR A 374 19.29 1.69 -15.25
N CYS A 375 20.47 1.73 -14.64
CA CYS A 375 20.57 1.84 -13.17
C CYS A 375 20.82 3.28 -12.75
N ALA A 376 20.22 3.68 -11.64
CA ALA A 376 20.38 5.04 -11.17
C ALA A 376 20.40 5.04 -9.66
N PRO A 377 20.99 6.08 -9.07
CA PRO A 377 21.01 6.16 -7.63
C PRO A 377 19.71 6.72 -7.10
N LEU A 378 19.43 6.46 -5.82
CA LEU A 378 18.41 7.17 -5.08
C LEU A 378 19.07 8.00 -4.00
N GLU A 379 18.40 9.09 -3.64
CA GLU A 379 18.98 10.14 -2.78
C GLU A 379 18.86 9.79 -1.30
N GLY A 380 19.27 10.71 -0.42
CA GLY A 380 19.17 10.51 1.03
C GLY A 380 20.13 9.44 1.51
N PRO A 381 20.08 9.15 2.82
CA PRO A 381 20.95 8.10 3.39
C PRO A 381 20.53 6.66 3.08
N ARG A 382 19.25 6.43 2.78
CA ARG A 382 18.73 5.08 2.56
C ARG A 382 18.89 4.59 1.13
N GLY A 383 19.25 5.48 0.22
CA GLY A 383 19.30 5.11 -1.21
C GLY A 383 20.55 4.33 -1.60
N ALA A 384 20.38 3.30 -2.44
CA ALA A 384 21.53 2.64 -3.08
C ALA A 384 22.10 3.47 -4.27
N SER A 385 23.40 3.34 -4.53
CA SER A 385 24.02 3.97 -5.68
C SER A 385 23.73 3.09 -6.90
N ALA A 386 23.94 3.65 -8.07
CA ALA A 386 23.81 2.90 -9.31
C ALA A 386 24.78 1.70 -9.30
N GLY A 387 25.99 1.90 -8.75
CA GLY A 387 27.01 0.84 -8.58
C GLY A 387 26.54 -0.35 -7.73
N GLN A 388 25.88 -0.06 -6.61
CA GLN A 388 25.26 -1.10 -5.78
C GLN A 388 24.22 -1.91 -6.56
N LEU A 389 23.55 -1.30 -7.53
CA LEU A 389 22.63 -2.09 -8.34
C LEU A 389 23.41 -2.89 -9.40
N ALA A 390 24.29 -2.18 -10.10
CA ALA A 390 25.06 -2.74 -11.24
C ALA A 390 25.94 -3.93 -10.88
N GLU A 391 26.38 -3.97 -9.63
CA GLU A 391 27.22 -5.08 -9.18
C GLU A 391 26.48 -6.42 -9.19
N HIS A 392 25.15 -6.36 -9.28
CA HIS A 392 24.32 -7.57 -9.39
C HIS A 392 23.91 -7.88 -10.83
N LEU A 393 24.31 -7.02 -11.77
CA LEU A 393 23.84 -7.14 -13.14
C LEU A 393 25.01 -7.42 -14.11
N VAL A 394 24.97 -8.60 -14.72
CA VAL A 394 25.97 -9.05 -15.69
C VAL A 394 26.38 -7.90 -16.62
N SER A 395 25.36 -7.19 -17.14
CA SER A 395 25.58 -5.99 -17.94
C SER A 395 24.47 -4.98 -17.67
N ALA A 396 24.88 -3.72 -17.56
CA ALA A 396 23.97 -2.63 -17.21
C ALA A 396 24.66 -1.34 -17.59
N ARG A 397 23.89 -0.27 -17.79
CA ARG A 397 24.48 1.07 -17.79
C ARG A 397 24.15 1.78 -16.47
N GLN A 398 25.02 2.67 -16.04
CA GLN A 398 24.75 3.50 -14.86
C GLN A 398 24.51 4.96 -15.28
N PHE A 399 23.56 5.62 -14.62
CA PHE A 399 23.24 7.03 -14.89
C PHE A 399 23.31 7.89 -13.60
N SER A 400 23.33 9.21 -13.76
CA SER A 400 23.50 10.15 -12.64
C SER A 400 22.25 10.23 -11.76
N ASP A 401 21.09 9.99 -12.34
CA ASP A 401 19.82 10.00 -11.58
C ASP A 401 18.71 9.28 -12.33
N VAL A 402 17.59 9.06 -11.64
CA VAL A 402 16.51 8.28 -12.25
C VAL A 402 15.98 8.95 -13.54
N GLU A 403 15.77 10.26 -13.47
CA GLU A 403 15.28 10.97 -14.65
C GLU A 403 16.18 10.75 -15.93
N THR A 404 17.50 10.82 -15.74
CA THR A 404 18.46 10.66 -16.83
C THR A 404 18.39 9.24 -17.40
N ALA A 405 18.30 8.24 -16.50
CA ALA A 405 18.18 6.85 -16.93
C ALA A 405 16.91 6.63 -17.74
N TRP A 406 15.80 7.15 -17.23
CA TRP A 406 14.50 6.99 -17.85
C TRP A 406 14.49 7.64 -19.24
N ARG A 407 15.00 8.87 -19.34
CA ARG A 407 15.06 9.57 -20.64
CA ARG A 407 15.05 9.58 -20.63
C ARG A 407 15.90 8.81 -21.68
N GLN A 408 16.95 8.13 -21.21
CA GLN A 408 17.82 7.37 -22.14
C GLN A 408 17.07 6.13 -22.64
N ALA A 409 16.37 5.48 -21.71
CA ALA A 409 15.57 4.31 -22.05
C ALA A 409 14.51 4.68 -23.08
N MET A 410 13.87 5.82 -22.87
CA MET A 410 12.84 6.26 -23.81
C MET A 410 13.46 6.58 -25.17
N GLN A 411 14.64 7.19 -25.17
CA GLN A 411 15.34 7.48 -26.43
C GLN A 411 15.74 6.19 -27.18
N ASP A 412 16.15 5.17 -26.42
CA ASP A 412 16.56 3.89 -27.00
C ASP A 412 15.40 3.04 -27.55
N ALA A 413 14.21 3.22 -26.99
CA ALA A 413 13.13 2.26 -27.19
C ALA A 413 12.55 2.24 -28.60
N ASP A 414 12.41 1.05 -29.17
CA ASP A 414 11.63 0.88 -30.41
C ASP A 414 10.17 0.81 -30.02
N THR A 415 9.28 0.94 -30.98
CA THR A 415 7.84 0.93 -30.66
C THR A 415 7.36 -0.39 -30.02
N GLN A 416 8.07 -1.49 -30.31
CA GLN A 416 7.72 -2.80 -29.78
C GLN A 416 8.28 -3.03 -28.37
N ASP A 417 9.12 -2.11 -27.90
CA ASP A 417 9.74 -2.27 -26.58
C ASP A 417 8.81 -1.95 -25.42
N VAL A 418 9.20 -2.40 -24.24
CA VAL A 418 8.54 -2.06 -22.98
C VAL A 418 9.57 -1.42 -22.08
N VAL A 419 9.31 -0.20 -21.60
CA VAL A 419 10.18 0.44 -20.60
C VAL A 419 9.44 0.39 -19.25
N ILE A 420 10.10 -0.22 -18.27
CA ILE A 420 9.51 -0.41 -16.95
C ILE A 420 10.35 0.34 -15.94
N VAL A 421 9.69 1.24 -15.20
CA VAL A 421 10.34 1.99 -14.12
C VAL A 421 9.93 1.39 -12.80
N CYS A 422 10.91 0.93 -12.03
CA CYS A 422 10.64 0.11 -10.85
C CYS A 422 11.73 0.18 -9.80
N GLY A 423 11.55 -0.55 -8.69
CA GLY A 423 12.59 -0.69 -7.68
C GLY A 423 12.22 -0.03 -6.36
N SER A 424 11.43 1.02 -6.42
CA SER A 424 11.03 1.78 -5.21
C SER A 424 9.96 2.76 -5.57
N PHE A 425 9.17 3.15 -4.58
CA PHE A 425 8.23 4.23 -4.85
CA PHE A 425 8.26 4.29 -4.70
C PHE A 425 8.99 5.53 -5.18
N HIS A 426 10.23 5.66 -4.73
CA HIS A 426 11.00 6.86 -5.01
C HIS A 426 11.35 6.94 -6.49
N THR A 427 11.67 5.80 -7.08
CA THR A 427 12.10 5.71 -8.47
C THR A 427 10.92 6.12 -9.34
N VAL A 428 9.74 5.53 -9.05
CA VAL A 428 8.51 5.90 -9.75
C VAL A 428 8.17 7.38 -9.61
N ALA A 429 8.24 7.85 -8.37
CA ALA A 429 7.94 9.23 -8.09
C ALA A 429 8.84 10.21 -8.88
N HIS A 430 10.12 9.92 -9.02
CA HIS A 430 11.01 10.76 -9.83
C HIS A 430 10.49 10.90 -11.26
N VAL A 431 10.01 9.79 -11.82
CA VAL A 431 9.51 9.83 -13.19
C VAL A 431 8.17 10.52 -13.20
N MET A 432 7.32 10.29 -12.21
CA MET A 432 6.07 11.06 -12.16
C MET A 432 6.27 12.56 -12.09
N ALA A 433 7.22 12.99 -11.26
CA ALA A 433 7.54 14.43 -11.10
C ALA A 433 8.09 14.98 -12.42
N ALA A 434 8.93 14.19 -13.12
CA ALA A 434 9.51 14.63 -14.37
C ALA A 434 8.41 14.82 -15.42
N LEU A 435 7.41 13.95 -15.38
CA LEU A 435 6.29 14.03 -16.33
C LEU A 435 5.20 14.98 -15.88
N HIS A 436 5.30 15.48 -14.65
CA HIS A 436 4.27 16.32 -14.07
C HIS A 436 2.92 15.58 -14.16
N LEU A 437 2.94 14.29 -13.80
CA LEU A 437 1.71 13.52 -13.62
C LEU A 437 1.17 13.82 -12.24
PB ADP B . 1.45 -2.14 -0.50
O1B ADP B . 0.52 -1.05 -0.17
O2B ADP B . 2.89 -1.65 -0.73
O3B ADP B . 1.39 -3.37 0.39
PA ADP B . 0.42 -2.02 -3.27
O1A ADP B . -0.91 -2.64 -3.60
O2A ADP B . 0.64 -0.54 -3.29
O3A ADP B . 1.07 -2.69 -1.95
O5' ADP B . 1.41 -2.63 -4.40
C5' ADP B . 2.81 -2.20 -4.37
C4' ADP B . 3.61 -3.13 -5.27
O4' ADP B . 3.65 -4.47 -4.75
C3' ADP B . 2.94 -3.29 -6.61
O3' ADP B . 3.26 -2.24 -7.56
C2' ADP B . 3.37 -4.63 -7.04
O2' ADP B . 4.79 -4.48 -7.43
C1' ADP B . 3.40 -5.44 -5.76
N9 ADP B . 2.22 -6.22 -5.37
C8 ADP B . 1.03 -5.76 -4.93
N7 ADP B . 0.23 -6.82 -4.60
C5 ADP B . 0.95 -7.94 -4.78
C6 ADP B . 0.73 -9.40 -4.62
N6 ADP B . -0.46 -9.84 -4.17
N1 ADP B . 1.74 -10.24 -4.93
C2 ADP B . 2.95 -9.80 -5.36
N3 ADP B . 3.23 -8.48 -5.53
C4 ADP B . 2.26 -7.54 -5.27
MG MG C . 0.86 0.87 0.46
C1 EDO D . 5.08 4.94 7.42
O1 EDO D . 4.16 4.74 6.33
C2 EDO D . 5.47 3.60 8.06
O2 EDO D . 4.85 3.49 9.34
C1 EDO E . 8.18 -7.83 6.00
O1 EDO E . 7.82 -6.84 6.85
C2 EDO E . 6.96 -8.09 5.19
O2 EDO E . 5.89 -7.54 5.82
C1 GOL F . -7.86 6.28 -6.90
O1 GOL F . -7.08 5.39 -7.68
C2 GOL F . -9.18 5.64 -6.55
O2 GOL F . -8.94 4.63 -5.60
C3 GOL F . -10.13 6.69 -5.98
O3 GOL F . -10.48 7.62 -6.98
#